data_5MPO
#
_entry.id   5MPO
#
_cell.length_a   123.720
_cell.length_b   123.720
_cell.length_c   82.490
_cell.angle_alpha   90.00
_cell.angle_beta   90.00
_cell.angle_gamma   120.00
#
_symmetry.space_group_name_H-M   'P 65'
#
loop_
_entity.id
_entity.type
_entity.pdbx_description
1 polymer 'Molybdopterin synthase sulfur carrier subunit'
2 polymer 'Molybdopterin synthase catalytic subunit'
3 water water
#
loop_
_entity_poly.entity_id
_entity_poly.type
_entity_poly.pdbx_seq_one_letter_code
_entity_poly.pdbx_strand_id
1 'polypeptide(L)'
;MGHHHHHHSSGVDLGTENLYFQSMVEVLYFAKSAEITGVRSETISVPQEIKALQLWKEIETRHPGLADVRNQIIFAVRQE
YVELGDQLLVLQPGDEIAVIPPISGG
;
A,B
2 'polypeptide(L)'
;MSAFEPSRKDMDEVEEKSKDVINFTAEKLSVDEVSQLVISPLCGAISLFVGTTRNNFEGKKVISLEYEAYLPMAENEVRK
ICSDIRQKWPVKHIAVFHRLGLVPVSEASIIIAVSSAHRAASLEAVSYAIDTLKAKVPIWKKEIYEESSTWKGN
;
C,D
#
# COMPACT_ATOMS: atom_id res chain seq x y z
N SER A 23 5.55 -44.36 -17.82
CA SER A 23 6.11 -43.50 -16.74
C SER A 23 5.19 -43.56 -15.56
N MET A 24 5.76 -43.71 -14.38
CA MET A 24 5.00 -43.73 -13.14
C MET A 24 4.98 -42.29 -12.70
N VAL A 25 3.82 -41.64 -12.77
CA VAL A 25 3.74 -40.23 -12.43
C VAL A 25 2.93 -40.00 -11.19
N GLU A 26 3.20 -38.86 -10.54
CA GLU A 26 2.47 -38.49 -9.31
C GLU A 26 1.34 -37.54 -9.67
N VAL A 27 0.13 -37.90 -9.25
CA VAL A 27 -1.01 -37.00 -9.42
C VAL A 27 -1.42 -36.40 -8.07
N LEU A 28 -1.56 -35.08 -8.03
CA LEU A 28 -1.82 -34.36 -6.79
C LEU A 28 -3.17 -33.71 -6.92
N TYR A 29 -4.02 -33.95 -5.95
CA TYR A 29 -5.36 -33.41 -5.96
C TYR A 29 -5.42 -32.27 -4.95
N PHE A 30 -5.55 -31.03 -5.45
CA PHE A 30 -5.73 -29.88 -4.55
C PHE A 30 -7.21 -29.56 -4.32
N ALA A 31 -7.59 -29.23 -3.09
CA ALA A 31 -8.90 -28.58 -2.78
C ALA A 31 -10.10 -29.44 -3.11
N LYS A 32 -11.09 -28.94 -3.88
CA LYS A 32 -12.30 -29.71 -4.26
C LYS A 32 -11.91 -31.17 -4.70
N SER A 33 -10.95 -31.23 -5.64
CA SER A 33 -10.51 -32.48 -6.27
C SER A 33 -10.15 -33.56 -5.27
N ALA A 34 -9.54 -33.17 -4.13
CA ALA A 34 -9.20 -34.15 -3.09
C ALA A 34 -10.40 -34.61 -2.28
N GLU A 35 -11.40 -33.73 -2.10
CA GLU A 35 -12.61 -34.11 -1.31
C GLU A 35 -13.28 -35.23 -2.10
N ILE A 36 -13.41 -35.01 -3.41
CA ILE A 36 -14.00 -35.98 -4.36
C ILE A 36 -13.21 -37.31 -4.43
N THR A 37 -11.90 -37.22 -4.65
CA THR A 37 -11.12 -38.42 -4.81
C THR A 37 -10.96 -39.15 -3.50
N GLY A 38 -10.94 -38.43 -2.38
CA GLY A 38 -10.61 -39.06 -1.09
C GLY A 38 -9.12 -39.26 -0.81
N VAL A 39 -8.23 -38.89 -1.76
CA VAL A 39 -6.77 -38.91 -1.51
C VAL A 39 -6.15 -37.58 -1.96
N ARG A 40 -5.06 -37.17 -1.32
CA ARG A 40 -4.35 -35.91 -1.64
C ARG A 40 -3.48 -36.16 -2.86
N SER A 41 -3.05 -37.41 -3.05
CA SER A 41 -2.29 -37.83 -4.21
C SER A 41 -2.40 -39.34 -4.56
N GLU A 42 -2.07 -39.69 -5.82
CA GLU A 42 -1.79 -41.11 -6.18
C GLU A 42 -0.75 -41.24 -7.31
N THR A 43 -0.28 -42.48 -7.50
CA THR A 43 0.61 -42.80 -8.58
C THR A 43 -0.14 -43.39 -9.73
N ILE A 44 0.13 -42.88 -10.96
CA ILE A 44 -0.35 -43.62 -12.13
C ILE A 44 0.70 -43.82 -13.18
N SER A 45 0.53 -44.92 -13.91
CA SER A 45 1.38 -45.31 -15.05
C SER A 45 0.74 -44.84 -16.36
N VAL A 46 1.48 -44.09 -17.18
CA VAL A 46 0.95 -43.48 -18.38
C VAL A 46 2.07 -43.51 -19.37
N PRO A 47 1.74 -43.51 -20.63
CA PRO A 47 2.83 -43.49 -21.60
C PRO A 47 3.54 -42.15 -21.61
N GLN A 48 4.81 -42.17 -21.97
CA GLN A 48 5.66 -41.02 -21.89
C GLN A 48 5.10 -39.85 -22.68
N GLU A 49 4.53 -40.18 -23.83
CA GLU A 49 3.92 -39.23 -24.73
C GLU A 49 2.43 -39.40 -24.63
N ILE A 50 1.75 -38.37 -24.13
CA ILE A 50 0.32 -38.49 -23.85
C ILE A 50 -0.38 -37.15 -24.06
N LYS A 51 -1.64 -37.24 -24.51
CA LYS A 51 -2.47 -36.05 -24.74
C LYS A 51 -2.99 -35.52 -23.38
N ALA A 52 -2.80 -34.24 -23.11
CA ALA A 52 -3.48 -33.62 -21.92
C ALA A 52 -4.91 -34.16 -21.64
N LEU A 53 -5.84 -34.16 -22.61
CA LEU A 53 -7.17 -34.72 -22.29
C LEU A 53 -7.10 -36.23 -22.04
N GLN A 54 -6.11 -36.90 -22.65
CA GLN A 54 -5.93 -38.35 -22.39
C GLN A 54 -5.54 -38.56 -20.93
N LEU A 55 -4.63 -37.70 -20.48
CA LEU A 55 -4.21 -37.69 -19.09
C LEU A 55 -5.44 -37.49 -18.17
N TRP A 56 -6.29 -36.56 -18.55
CA TRP A 56 -7.59 -36.44 -17.89
C TRP A 56 -8.43 -37.75 -17.80
N LYS A 57 -8.65 -38.38 -18.98
CA LYS A 57 -9.49 -39.60 -19.03
C LYS A 57 -8.88 -40.62 -18.07
N GLU A 58 -7.55 -40.71 -18.02
CA GLU A 58 -6.93 -41.70 -17.10
C GLU A 58 -7.31 -41.42 -15.66
N ILE A 59 -7.34 -40.13 -15.32
CA ILE A 59 -7.71 -39.66 -13.98
C ILE A 59 -9.20 -39.87 -13.69
N GLU A 60 -10.09 -39.42 -14.54
CA GLU A 60 -11.48 -39.72 -14.33
C GLU A 60 -11.69 -41.22 -14.05
N THR A 61 -11.09 -42.09 -14.87
CA THR A 61 -11.27 -43.54 -14.74
C THR A 61 -10.99 -44.04 -13.31
N ARG A 62 -9.91 -43.55 -12.69
CA ARG A 62 -9.69 -43.94 -11.30
C ARG A 62 -10.74 -43.36 -10.39
N HIS A 63 -11.29 -42.18 -10.74
CA HIS A 63 -12.20 -41.45 -9.85
C HIS A 63 -13.29 -40.86 -10.73
N PRO A 64 -14.31 -41.66 -11.04
CA PRO A 64 -15.38 -41.19 -11.99
C PRO A 64 -16.04 -39.93 -11.47
N GLY A 65 -16.12 -39.80 -10.16
CA GLY A 65 -16.64 -38.60 -9.55
C GLY A 65 -16.06 -37.32 -10.10
N LEU A 66 -14.77 -37.31 -10.40
CA LEU A 66 -14.14 -36.10 -10.96
C LEU A 66 -14.81 -35.59 -12.20
N ALA A 67 -15.60 -36.48 -12.81
CA ALA A 67 -16.43 -36.10 -13.91
C ALA A 67 -17.25 -34.84 -13.57
N ASP A 68 -17.88 -34.80 -12.39
CA ASP A 68 -18.66 -33.63 -11.98
C ASP A 68 -17.88 -32.30 -11.91
N VAL A 69 -16.59 -32.36 -11.61
CA VAL A 69 -15.72 -31.13 -11.48
C VAL A 69 -14.91 -30.79 -12.76
N ARG A 70 -15.07 -31.60 -13.81
CA ARG A 70 -14.29 -31.54 -15.06
C ARG A 70 -14.16 -30.16 -15.71
N ASN A 71 -15.27 -29.43 -15.74
CA ASN A 71 -15.30 -28.07 -16.32
C ASN A 71 -14.44 -27.10 -15.51
N GLN A 72 -14.32 -27.36 -14.20
CA GLN A 72 -13.66 -26.47 -13.24
C GLN A 72 -12.18 -26.78 -12.90
N ILE A 73 -11.50 -27.71 -13.59
CA ILE A 73 -10.09 -28.14 -13.23
C ILE A 73 -9.08 -27.63 -14.27
N ILE A 74 -7.86 -27.35 -13.85
CA ILE A 74 -6.71 -27.22 -14.78
C ILE A 74 -5.49 -28.09 -14.24
N PHE A 75 -4.48 -28.31 -15.07
CA PHE A 75 -3.30 -29.09 -14.74
C PHE A 75 -2.08 -28.23 -14.57
N ALA A 76 -1.04 -28.83 -14.00
CA ALA A 76 0.25 -28.24 -13.84
C ALA A 76 1.18 -29.42 -14.03
N VAL A 77 2.12 -29.32 -14.96
CA VAL A 77 3.03 -30.40 -15.24
C VAL A 77 4.42 -29.93 -14.92
N ARG A 78 5.13 -30.63 -14.06
CA ARG A 78 6.44 -30.14 -13.68
C ARG A 78 6.33 -28.66 -13.27
N GLN A 79 5.33 -28.35 -12.44
CA GLN A 79 5.14 -26.99 -11.91
C GLN A 79 5.01 -25.87 -12.97
N GLU A 80 4.38 -26.17 -14.11
CA GLU A 80 4.03 -25.17 -15.12
C GLU A 80 2.63 -25.49 -15.52
N TYR A 81 1.79 -24.50 -15.75
CA TYR A 81 0.37 -24.78 -16.04
C TYR A 81 0.25 -25.38 -17.41
N VAL A 82 -0.90 -25.99 -17.70
CA VAL A 82 -1.24 -26.51 -19.02
C VAL A 82 -2.76 -26.73 -19.13
N GLU A 83 -3.38 -26.32 -20.25
CA GLU A 83 -4.82 -26.56 -20.47
C GLU A 83 -5.12 -28.04 -20.81
N LEU A 84 -6.30 -28.51 -20.39
CA LEU A 84 -6.85 -29.83 -20.73
C LEU A 84 -7.29 -29.93 -22.23
N GLY A 85 -6.33 -29.85 -23.16
CA GLY A 85 -6.56 -29.95 -24.61
C GLY A 85 -5.97 -31.19 -25.29
N ASP A 86 -5.50 -31.01 -26.53
CA ASP A 86 -4.70 -32.01 -27.26
C ASP A 86 -3.29 -31.48 -27.38
N GLN A 87 -2.89 -30.64 -26.44
CA GLN A 87 -1.49 -30.36 -26.24
C GLN A 87 -0.78 -31.72 -25.91
N LEU A 88 0.37 -31.97 -26.58
CA LEU A 88 1.15 -33.19 -26.37
C LEU A 88 2.17 -33.03 -25.24
N LEU A 89 2.05 -33.92 -24.25
CA LEU A 89 2.91 -33.92 -23.09
C LEU A 89 3.98 -34.98 -23.22
N VAL A 90 5.12 -34.71 -22.61
CA VAL A 90 6.16 -35.71 -22.44
C VAL A 90 6.41 -35.82 -20.96
N LEU A 91 6.09 -36.96 -20.39
CA LEU A 91 6.17 -37.20 -18.97
C LEU A 91 7.21 -38.25 -18.60
N GLN A 92 8.13 -37.88 -17.72
CA GLN A 92 9.20 -38.77 -17.27
C GLN A 92 8.77 -39.37 -15.94
N PRO A 93 9.41 -40.47 -15.53
CA PRO A 93 9.05 -41.10 -14.26
C PRO A 93 9.26 -40.17 -13.08
N GLY A 94 8.29 -40.13 -12.19
CA GLY A 94 8.38 -39.36 -11.00
C GLY A 94 7.84 -37.95 -11.16
N ASP A 95 7.59 -37.49 -12.40
CA ASP A 95 6.98 -36.16 -12.59
C ASP A 95 5.65 -35.97 -11.89
N GLU A 96 5.42 -34.72 -11.47
CA GLU A 96 4.17 -34.34 -10.78
C GLU A 96 3.19 -33.69 -11.76
N ILE A 97 1.92 -34.06 -11.58
CA ILE A 97 0.80 -33.57 -12.33
C ILE A 97 -0.15 -33.04 -11.24
N ALA A 98 -0.33 -31.74 -11.18
CA ALA A 98 -1.28 -31.14 -10.21
C ALA A 98 -2.65 -30.93 -10.87
N VAL A 99 -3.67 -31.39 -10.18
CA VAL A 99 -5.08 -31.10 -10.49
C VAL A 99 -5.46 -29.85 -9.65
N ILE A 100 -5.64 -28.74 -10.37
CA ILE A 100 -5.83 -27.39 -9.78
C ILE A 100 -7.24 -26.84 -10.03
N PRO A 101 -8.19 -27.03 -9.07
CA PRO A 101 -9.47 -26.31 -9.18
C PRO A 101 -9.30 -24.77 -8.94
N PRO A 102 -10.39 -23.97 -8.99
CA PRO A 102 -10.19 -22.49 -9.07
C PRO A 102 -9.42 -21.96 -7.84
N ILE A 103 -8.42 -21.10 -8.08
CA ILE A 103 -7.50 -20.48 -7.09
C ILE A 103 -8.20 -19.43 -6.16
N SER A 104 -8.07 -19.55 -4.82
CA SER A 104 -8.61 -18.53 -3.82
C SER A 104 -7.59 -17.94 -2.76
N GLY A 105 -6.31 -17.79 -3.17
CA GLY A 105 -5.26 -17.25 -2.30
C GLY A 105 -5.35 -15.76 -2.03
N SER B 23 -7.90 45.33 12.04
CA SER B 23 -7.54 44.49 13.19
C SER B 23 -6.08 44.18 13.16
N MET B 24 -5.53 43.84 14.32
CA MET B 24 -4.21 43.27 14.46
C MET B 24 -4.30 41.77 14.18
N VAL B 25 -3.65 41.34 13.10
CA VAL B 25 -3.51 39.97 12.68
C VAL B 25 -2.07 39.46 12.75
N GLU B 26 -1.92 38.15 12.77
CA GLU B 26 -0.62 37.48 12.91
C GLU B 26 -0.29 36.93 11.49
N VAL B 27 0.85 37.32 10.93
CA VAL B 27 1.29 36.81 9.65
C VAL B 27 2.27 35.70 9.96
N LEU B 28 2.04 34.54 9.35
CA LEU B 28 2.95 33.41 9.55
C LEU B 28 3.73 33.14 8.25
N TYR B 29 5.04 32.96 8.38
CA TYR B 29 5.92 32.80 7.18
C TYR B 29 6.49 31.41 7.28
N PHE B 30 6.21 30.59 6.25
CA PHE B 30 6.67 29.21 6.25
C PHE B 30 7.74 28.97 5.19
N ALA B 31 8.69 28.09 5.52
CA ALA B 31 9.66 27.54 4.54
C ALA B 31 10.57 28.64 3.96
N LYS B 32 10.69 28.78 2.63
CA LYS B 32 11.49 29.84 1.99
C LYS B 32 11.15 31.23 2.56
N SER B 33 9.83 31.52 2.63
CA SER B 33 9.30 32.86 2.98
C SER B 33 9.82 33.33 4.34
N ALA B 34 10.04 32.40 5.27
CA ALA B 34 10.70 32.75 6.52
C ALA B 34 12.18 33.11 6.31
N GLU B 35 12.86 32.41 5.38
CA GLU B 35 14.29 32.67 5.06
C GLU B 35 14.44 34.10 4.55
N ILE B 36 13.62 34.47 3.55
CA ILE B 36 13.53 35.83 2.98
C ILE B 36 13.16 36.92 4.00
N THR B 37 11.92 36.94 4.50
CA THR B 37 11.54 37.91 5.55
C THR B 37 12.55 37.86 6.69
N GLY B 38 13.11 36.69 6.96
CA GLY B 38 13.92 36.53 8.14
C GLY B 38 13.14 36.39 9.42
N VAL B 39 11.83 36.11 9.37
CA VAL B 39 11.11 35.81 10.64
C VAL B 39 9.89 34.87 10.53
N ARG B 40 9.72 33.99 11.52
CA ARG B 40 8.66 32.94 11.55
C ARG B 40 7.26 33.55 11.57
N SER B 41 7.09 34.63 12.36
CA SER B 41 5.86 35.43 12.37
C SER B 41 6.01 36.89 12.84
N GLU B 42 5.02 37.70 12.49
CA GLU B 42 4.83 39.03 13.07
C GLU B 42 3.36 39.46 13.10
N THR B 43 3.06 40.53 13.83
CA THR B 43 1.72 41.09 13.84
C THR B 43 1.75 42.33 13.04
N ILE B 44 0.70 42.61 12.31
CA ILE B 44 0.55 43.84 11.59
C ILE B 44 -0.90 44.23 11.73
N SER B 45 -1.25 45.44 11.30
CA SER B 45 -2.59 45.98 11.38
C SER B 45 -3.16 46.07 10.01
N VAL B 46 -4.41 45.70 9.85
CA VAL B 46 -5.05 45.73 8.56
C VAL B 46 -6.48 46.19 8.73
N PRO B 47 -7.03 46.81 7.71
CA PRO B 47 -8.43 47.20 7.82
C PRO B 47 -9.31 46.00 7.93
N GLN B 48 -10.60 46.21 8.20
CA GLN B 48 -11.49 45.11 8.46
C GLN B 48 -11.78 44.42 7.19
N GLU B 49 -12.14 45.22 6.19
CA GLU B 49 -12.24 44.77 4.82
C GLU B 49 -10.99 45.13 4.03
N ILE B 50 -10.36 44.11 3.44
CA ILE B 50 -9.25 44.27 2.55
C ILE B 50 -9.29 43.12 1.57
N LYS B 51 -8.94 43.39 0.31
CA LYS B 51 -8.93 42.36 -0.71
C LYS B 51 -7.57 41.69 -0.60
N ALA B 52 -7.54 40.41 -0.95
CA ALA B 52 -6.34 39.57 -0.77
C ALA B 52 -5.09 40.08 -1.42
N LEU B 53 -5.21 40.62 -2.65
CA LEU B 53 -4.07 41.25 -3.37
C LEU B 53 -3.58 42.43 -2.55
N GLN B 54 -4.52 43.29 -2.11
CA GLN B 54 -4.16 44.44 -1.25
C GLN B 54 -3.38 43.97 0.00
N LEU B 55 -3.85 42.88 0.63
CA LEU B 55 -3.13 42.29 1.78
C LEU B 55 -1.73 41.79 1.45
N TRP B 56 -1.59 41.11 0.32
CA TRP B 56 -0.27 40.69 -0.13
C TRP B 56 0.63 41.92 -0.32
N LYS B 57 0.14 42.92 -1.08
CA LYS B 57 0.86 44.24 -1.26
C LYS B 57 1.39 44.79 0.07
N GLU B 58 0.54 44.86 1.11
CA GLU B 58 1.02 45.24 2.47
C GLU B 58 2.17 44.35 2.94
N ILE B 59 2.06 43.06 2.71
CA ILE B 59 3.10 42.16 3.21
C ILE B 59 4.37 42.31 2.41
N GLU B 60 4.21 42.37 1.08
CA GLU B 60 5.33 42.58 0.12
C GLU B 60 6.08 43.86 0.45
N THR B 61 5.33 44.97 0.54
CA THR B 61 5.84 46.28 1.03
C THR B 61 6.79 46.10 2.20
N ARG B 62 6.41 45.22 3.11
CA ARG B 62 7.05 45.14 4.42
C ARG B 62 8.30 44.30 4.41
N HIS B 63 8.44 43.42 3.43
CA HIS B 63 9.66 42.61 3.24
C HIS B 63 9.78 42.50 1.73
N PRO B 64 10.52 43.44 1.11
CA PRO B 64 10.48 43.46 -0.37
C PRO B 64 11.09 42.22 -1.07
N GLY B 65 12.00 41.49 -0.39
CA GLY B 65 12.48 40.18 -0.87
C GLY B 65 11.35 39.24 -1.35
N LEU B 66 10.24 39.21 -0.60
CA LEU B 66 9.05 38.45 -1.02
C LEU B 66 8.53 38.75 -2.42
N ALA B 67 8.95 39.86 -3.05
CA ALA B 67 8.55 40.16 -4.43
C ALA B 67 8.86 39.06 -5.44
N ASP B 68 10.02 38.46 -5.25
CA ASP B 68 10.56 37.37 -6.03
C ASP B 68 9.64 36.16 -6.16
N VAL B 69 8.94 35.83 -5.09
CA VAL B 69 8.05 34.68 -5.08
C VAL B 69 6.58 35.05 -5.13
N ARG B 70 6.28 36.27 -5.54
CA ARG B 70 4.91 36.77 -5.56
C ARG B 70 4.02 35.84 -6.38
N ASN B 71 4.61 35.19 -7.38
CA ASN B 71 3.88 34.27 -8.24
C ASN B 71 3.71 32.82 -7.76
N GLN B 72 4.39 32.41 -6.69
CA GLN B 72 4.25 31.05 -6.22
C GLN B 72 3.83 30.92 -4.77
N ILE B 73 2.94 31.77 -4.33
CA ILE B 73 2.51 31.77 -2.96
C ILE B 73 1.02 31.77 -2.80
N ILE B 74 0.51 31.06 -1.83
CA ILE B 74 -0.95 31.20 -1.52
C ILE B 74 -1.06 31.69 -0.07
N PHE B 75 -2.23 32.21 0.25
CA PHE B 75 -2.58 32.43 1.64
C PHE B 75 -3.42 31.31 2.23
N ALA B 76 -3.22 31.10 3.54
CA ALA B 76 -4.27 30.56 4.40
C ALA B 76 -4.72 31.67 5.39
N VAL B 77 -6.03 31.92 5.42
CA VAL B 77 -6.65 32.88 6.31
C VAL B 77 -7.56 32.07 7.19
N ARG B 78 -7.33 32.13 8.49
CA ARG B 78 -8.05 31.29 9.44
C ARG B 78 -7.99 29.84 8.97
N GLN B 79 -6.81 29.43 8.51
CA GLN B 79 -6.56 28.04 8.10
C GLN B 79 -7.35 27.58 6.88
N GLU B 80 -7.75 28.48 6.01
CA GLU B 80 -8.37 28.06 4.76
C GLU B 80 -7.67 28.82 3.66
N TYR B 81 -7.39 28.12 2.58
CA TYR B 81 -6.69 28.65 1.44
C TYR B 81 -7.44 29.79 0.76
N VAL B 82 -6.66 30.77 0.35
CA VAL B 82 -7.16 31.95 -0.30
C VAL B 82 -6.16 32.33 -1.36
N GLU B 83 -6.64 32.50 -2.58
CA GLU B 83 -5.81 32.87 -3.68
C GLU B 83 -5.68 34.37 -3.71
N LEU B 84 -4.49 34.87 -4.04
CA LEU B 84 -4.25 36.30 -4.08
C LEU B 84 -4.96 37.11 -5.18
N GLY B 85 -6.25 37.41 -5.02
CA GLY B 85 -6.96 38.19 -6.00
C GLY B 85 -8.08 39.03 -5.40
N ASP B 86 -9.11 39.35 -6.19
CA ASP B 86 -10.23 40.08 -5.66
C ASP B 86 -10.97 39.56 -4.45
N GLN B 87 -10.64 38.38 -3.95
CA GLN B 87 -11.33 37.90 -2.76
C GLN B 87 -11.36 38.97 -1.67
N LEU B 88 -12.55 39.24 -1.15
CA LEU B 88 -12.71 40.24 -0.10
C LEU B 88 -12.52 39.52 1.21
N LEU B 89 -11.57 40.00 2.03
CA LEU B 89 -11.33 39.45 3.38
C LEU B 89 -11.88 40.31 4.48
N VAL B 90 -12.57 39.67 5.40
CA VAL B 90 -13.08 40.28 6.60
C VAL B 90 -12.30 39.67 7.75
N LEU B 91 -11.26 40.37 8.16
CA LEU B 91 -10.36 39.89 9.19
C LEU B 91 -10.65 40.40 10.59
N GLN B 92 -10.62 39.48 11.56
CA GLN B 92 -10.93 39.74 12.95
C GLN B 92 -9.63 39.74 13.71
N PRO B 93 -9.62 40.38 14.86
CA PRO B 93 -8.41 40.42 15.63
C PRO B 93 -7.87 39.03 15.94
N GLY B 94 -6.60 38.83 15.68
CA GLY B 94 -5.93 37.61 16.04
C GLY B 94 -6.02 36.60 14.93
N ASP B 95 -6.72 36.88 13.86
CA ASP B 95 -6.76 35.89 12.80
C ASP B 95 -5.35 35.67 12.28
N GLU B 96 -5.12 34.47 11.76
CA GLU B 96 -3.84 34.07 11.26
C GLU B 96 -3.83 34.17 9.76
N ILE B 97 -2.79 34.78 9.21
CA ILE B 97 -2.62 34.87 7.75
C ILE B 97 -1.31 34.14 7.52
N ALA B 98 -1.36 32.97 6.89
CA ALA B 98 -0.10 32.23 6.64
C ALA B 98 0.32 32.41 5.19
N VAL B 99 1.62 32.61 5.02
CA VAL B 99 2.21 32.79 3.69
C VAL B 99 2.75 31.40 3.32
N ILE B 100 2.13 30.81 2.30
CA ILE B 100 2.27 29.39 1.94
C ILE B 100 3.07 29.25 0.60
N PRO B 101 4.38 29.04 0.68
CA PRO B 101 5.11 28.69 -0.55
C PRO B 101 4.67 27.30 -1.07
N PRO B 102 5.09 26.92 -2.30
CA PRO B 102 4.60 25.66 -2.88
C PRO B 102 5.02 24.49 -1.99
N ILE B 103 4.04 23.63 -1.73
CA ILE B 103 4.17 22.66 -0.65
C ILE B 103 4.83 21.37 -1.11
N SER B 104 5.31 20.60 -0.12
CA SER B 104 6.23 19.47 -0.31
C SER B 104 6.16 18.41 0.85
N GLY B 105 4.95 18.02 1.22
CA GLY B 105 4.75 17.05 2.30
C GLY B 105 5.03 15.65 1.81
N GLY B 106 4.89 14.67 2.70
CA GLY B 106 5.40 13.34 2.43
C GLY B 106 6.87 13.32 2.06
N GLU C 15 -20.60 -3.38 17.39
CA GLU C 15 -20.47 -1.99 16.88
C GLU C 15 -19.09 -1.38 17.22
N GLU C 16 -18.12 -1.51 16.29
CA GLU C 16 -16.77 -0.86 16.37
C GLU C 16 -16.80 0.51 15.68
N LYS C 17 -16.49 1.59 16.41
CA LYS C 17 -16.51 2.93 15.83
C LYS C 17 -15.38 2.99 14.78
N SER C 18 -15.68 3.61 13.64
CA SER C 18 -14.67 4.03 12.67
C SER C 18 -13.78 5.09 13.24
N LYS C 19 -12.48 4.99 12.94
CA LYS C 19 -11.47 5.90 13.49
C LYS C 19 -10.67 6.55 12.39
N ASP C 20 -10.40 7.86 12.58
CA ASP C 20 -9.45 8.62 11.80
C ASP C 20 -8.35 8.99 12.81
N VAL C 21 -7.17 8.38 12.76
CA VAL C 21 -6.09 8.62 13.72
C VAL C 21 -5.01 9.43 13.00
N ILE C 22 -4.81 10.66 13.45
CA ILE C 22 -3.97 11.62 12.81
C ILE C 22 -2.96 12.14 13.80
N ASN C 23 -1.69 12.06 13.45
CA ASN C 23 -0.66 12.46 14.30
C ASN C 23 0.53 13.04 13.58
N PHE C 24 0.86 14.27 13.98
CA PHE C 24 2.15 14.90 13.64
C PHE C 24 3.07 14.85 14.83
N THR C 25 4.34 14.50 14.62
CA THR C 25 5.20 14.12 15.75
C THR C 25 6.66 14.14 15.39
N ALA C 26 7.52 14.43 16.37
CA ALA C 26 8.99 14.40 16.19
C ALA C 26 9.53 12.97 16.43
N GLU C 27 8.76 12.15 17.05
CA GLU C 27 9.07 10.73 17.19
C GLU C 27 9.32 9.95 15.88
N LYS C 28 10.20 8.94 15.94
CA LYS C 28 10.38 7.98 14.88
C LYS C 28 9.06 7.19 14.72
N LEU C 29 8.63 6.98 13.47
CA LEU C 29 7.35 6.33 13.18
C LEU C 29 7.54 4.83 13.11
N SER C 30 6.54 4.10 13.58
CA SER C 30 6.59 2.65 13.57
C SER C 30 5.49 2.08 12.64
N VAL C 31 5.89 1.31 11.63
CA VAL C 31 4.94 0.70 10.72
C VAL C 31 4.05 -0.24 11.52
N ASP C 32 4.62 -0.97 12.46
CA ASP C 32 3.86 -1.93 13.23
C ASP C 32 2.85 -1.27 14.12
N GLU C 33 3.27 -0.23 14.84
CA GLU C 33 2.38 0.61 15.62
C GLU C 33 1.19 1.03 14.76
N VAL C 34 1.48 1.63 13.57
CA VAL C 34 0.44 2.30 12.79
C VAL C 34 -0.48 1.27 12.13
N SER C 35 0.08 0.16 11.69
CA SER C 35 -0.69 -0.88 11.08
C SER C 35 -1.65 -1.44 12.13
N GLN C 36 -1.25 -1.50 13.40
CA GLN C 36 -2.14 -1.98 14.50
C GLN C 36 -3.29 -1.03 14.80
N LEU C 37 -3.12 0.24 14.51
CA LEU C 37 -4.15 1.20 14.80
C LEU C 37 -5.29 1.03 13.84
N VAL C 38 -5.06 0.39 12.70
CA VAL C 38 -6.14 0.21 11.71
C VAL C 38 -6.73 -1.20 11.59
N ILE C 39 -6.18 -2.19 12.28
CA ILE C 39 -6.73 -3.55 12.23
C ILE C 39 -8.19 -3.59 12.69
N SER C 40 -8.99 -4.44 12.05
CA SER C 40 -10.41 -4.56 12.36
C SER C 40 -10.85 -5.96 12.00
N PRO C 41 -11.51 -6.66 12.96
CA PRO C 41 -12.07 -7.99 12.61
C PRO C 41 -13.06 -7.94 11.47
N LEU C 42 -13.63 -6.79 11.19
CA LEU C 42 -14.48 -6.64 10.01
C LEU C 42 -13.69 -6.41 8.73
N CYS C 43 -12.36 -6.30 8.80
CA CYS C 43 -11.53 -5.91 7.68
C CYS C 43 -10.60 -7.00 7.27
N GLY C 44 -10.57 -7.23 5.96
CA GLY C 44 -9.68 -8.16 5.30
C GLY C 44 -8.46 -7.56 4.65
N ALA C 45 -8.43 -6.23 4.47
CA ALA C 45 -7.33 -5.58 3.74
C ALA C 45 -6.82 -4.31 4.45
N ILE C 46 -5.50 -4.20 4.54
CA ILE C 46 -4.83 -3.00 5.02
C ILE C 46 -3.84 -2.65 3.94
N SER C 47 -3.96 -1.44 3.37
CA SER C 47 -2.87 -0.94 2.51
C SER C 47 -2.11 0.05 3.35
N LEU C 48 -0.81 0.13 3.12
CA LEU C 48 0.05 1.13 3.77
C LEU C 48 0.98 1.78 2.78
N PHE C 49 1.26 3.06 3.04
CA PHE C 49 2.28 3.79 2.29
C PHE C 49 3.29 4.32 3.30
N VAL C 50 4.56 4.19 3.00
CA VAL C 50 5.61 4.62 3.90
C VAL C 50 6.56 5.42 3.06
N GLY C 51 6.77 6.68 3.49
CA GLY C 51 7.63 7.63 2.79
C GLY C 51 8.91 7.69 3.60
N THR C 52 10.03 7.54 2.91
CA THR C 52 11.35 7.42 3.50
C THR C 52 12.30 8.39 2.86
N THR C 53 13.27 8.86 3.63
CA THR C 53 14.28 9.77 3.12
C THR C 53 15.27 9.00 2.20
N ARG C 54 15.36 9.44 0.94
CA ARG C 54 16.39 8.98 0.01
C ARG C 54 17.70 9.66 0.29
N ASN C 55 18.80 8.93 0.09
CA ASN C 55 20.17 9.46 0.19
C ASN C 55 20.66 10.25 -1.01
N ASN C 56 19.78 10.74 -1.88
CA ASN C 56 20.25 11.64 -2.98
C ASN C 56 19.13 12.45 -3.62
N PHE C 57 19.47 13.58 -4.25
CA PHE C 57 18.42 14.42 -4.90
C PHE C 57 19.03 15.25 -6.03
N GLU C 58 18.48 15.11 -7.25
CA GLU C 58 18.98 15.81 -8.44
C GLU C 58 20.51 15.76 -8.53
N GLY C 59 21.09 14.57 -8.37
CA GLY C 59 22.55 14.40 -8.43
C GLY C 59 23.38 14.65 -7.18
N LYS C 60 22.90 15.39 -6.19
CA LYS C 60 23.67 15.62 -4.96
C LYS C 60 23.32 14.52 -3.89
N LYS C 61 24.28 14.14 -3.03
CA LYS C 61 24.04 13.21 -1.91
C LYS C 61 23.33 13.91 -0.74
N VAL C 62 22.31 13.22 -0.19
CA VAL C 62 21.45 13.72 0.91
C VAL C 62 21.68 12.90 2.19
N ILE C 63 21.84 13.59 3.31
CA ILE C 63 21.97 12.95 4.67
C ILE C 63 20.71 12.94 5.55
N SER C 64 19.78 13.83 5.24
CA SER C 64 18.60 14.03 6.05
C SER C 64 17.69 14.95 5.26
N LEU C 65 16.40 14.77 5.46
CA LEU C 65 15.37 15.78 5.13
C LEU C 65 14.92 16.45 6.45
N GLU C 66 14.48 17.70 6.33
CA GLU C 66 13.90 18.41 7.44
C GLU C 66 12.53 18.84 7.04
N TYR C 67 11.54 18.54 7.90
CA TYR C 67 10.11 18.82 7.61
C TYR C 67 9.55 19.78 8.65
N GLU C 68 8.79 20.74 8.16
CA GLU C 68 7.95 21.57 9.00
C GLU C 68 6.55 21.63 8.48
N ALA C 69 5.65 22.06 9.36
CA ALA C 69 4.24 22.13 9.03
C ALA C 69 3.52 23.29 9.70
N TYR C 70 2.44 23.76 9.07
CA TYR C 70 1.51 24.67 9.67
C TYR C 70 0.47 23.81 10.38
N LEU C 71 0.74 23.58 11.67
CA LEU C 71 -0.24 23.05 12.62
C LEU C 71 -1.02 24.14 13.41
N PRO C 72 -2.31 23.99 13.60
CA PRO C 72 -3.05 22.76 13.36
C PRO C 72 -3.70 22.62 11.98
N MET C 73 -3.42 23.50 11.02
CA MET C 73 -4.11 23.45 9.72
C MET C 73 -3.82 22.13 8.98
N ALA C 74 -2.59 21.65 9.06
CA ALA C 74 -2.21 20.41 8.40
C ALA C 74 -3.02 19.27 8.95
N GLU C 75 -3.27 19.32 10.25
CA GLU C 75 -4.24 18.42 10.87
C GLU C 75 -5.64 18.51 10.28
N ASN C 76 -6.16 19.72 10.20
CA ASN C 76 -7.50 19.88 9.67
C ASN C 76 -7.56 19.36 8.22
N GLU C 77 -6.47 19.57 7.47
CA GLU C 77 -6.48 19.28 6.03
C GLU C 77 -6.45 17.78 5.84
N VAL C 78 -5.71 17.10 6.67
CA VAL C 78 -5.79 15.66 6.72
C VAL C 78 -7.19 15.17 7.18
N ARG C 79 -7.85 15.83 8.12
CA ARG C 79 -9.22 15.44 8.47
C ARG C 79 -10.12 15.56 7.26
N LYS C 80 -9.90 16.57 6.43
CA LYS C 80 -10.70 16.67 5.23
C LYS C 80 -10.42 15.51 4.27
N ILE C 81 -9.15 15.18 4.12
CA ILE C 81 -8.83 14.01 3.34
C ILE C 81 -9.53 12.73 3.85
N CYS C 82 -9.52 12.53 5.17
CA CYS C 82 -10.23 11.38 5.77
C CYS C 82 -11.71 11.34 5.39
N SER C 83 -12.31 12.50 5.45
CA SER C 83 -13.72 12.65 5.28
C SER C 83 -14.08 12.46 3.80
N ASP C 84 -13.27 12.97 2.90
CA ASP C 84 -13.51 12.78 1.51
C ASP C 84 -13.33 11.31 1.10
N ILE C 85 -12.31 10.68 1.64
CA ILE C 85 -12.11 9.28 1.43
C ILE C 85 -13.36 8.50 1.83
N ARG C 86 -13.94 8.80 2.98
CA ARG C 86 -15.15 8.08 3.40
C ARG C 86 -16.41 8.44 2.57
N GLN C 87 -16.36 9.50 1.77
CA GLN C 87 -17.48 9.83 0.90
C GLN C 87 -17.47 8.93 -0.34
N LYS C 88 -16.32 8.41 -0.72
CA LYS C 88 -16.30 7.51 -1.85
C LYS C 88 -16.14 6.00 -1.57
N TRP C 89 -15.21 5.68 -0.68
CA TRP C 89 -14.68 4.36 -0.46
C TRP C 89 -15.19 3.77 0.89
N PRO C 90 -15.54 2.46 0.93
CA PRO C 90 -16.02 1.77 2.16
C PRO C 90 -14.90 1.37 3.10
N VAL C 91 -14.19 2.34 3.63
CA VAL C 91 -13.06 2.05 4.51
C VAL C 91 -13.52 2.01 5.96
N LYS C 92 -12.77 1.33 6.82
CA LYS C 92 -13.08 1.33 8.21
C LYS C 92 -12.29 2.40 8.97
N HIS C 93 -10.98 2.16 9.15
CA HIS C 93 -10.04 3.03 9.84
C HIS C 93 -8.94 3.64 8.87
N ILE C 94 -8.55 4.88 9.16
CA ILE C 94 -7.49 5.61 8.43
C ILE C 94 -6.52 6.13 9.52
N ALA C 95 -5.24 5.87 9.33
CA ALA C 95 -4.22 6.39 10.19
C ALA C 95 -3.29 7.18 9.29
N VAL C 96 -2.94 8.40 9.71
CA VAL C 96 -1.95 9.23 8.99
C VAL C 96 -0.96 9.81 9.97
N PHE C 97 0.30 9.37 9.85
CA PHE C 97 1.33 9.73 10.79
C PHE C 97 2.39 10.43 10.02
N HIS C 98 2.65 11.69 10.36
CA HIS C 98 3.71 12.43 9.68
C HIS C 98 4.76 12.91 10.68
N ARG C 99 6.02 12.66 10.37
CA ARG C 99 7.11 13.05 11.25
C ARG C 99 7.61 14.43 10.91
N LEU C 100 7.98 15.19 11.95
CA LEU C 100 8.42 16.57 11.72
C LEU C 100 9.85 16.79 12.22
N GLY C 101 10.51 17.84 11.71
CA GLY C 101 11.92 18.04 11.94
C GLY C 101 12.77 17.07 11.12
N LEU C 102 13.81 16.51 11.73
CA LEU C 102 14.86 15.77 11.03
C LEU C 102 14.59 14.30 10.80
N VAL C 103 14.50 13.94 9.53
CA VAL C 103 14.22 12.55 9.15
C VAL C 103 15.46 12.10 8.40
N PRO C 104 16.33 11.35 9.09
CA PRO C 104 17.52 10.87 8.37
C PRO C 104 17.17 9.78 7.31
N VAL C 105 18.17 9.46 6.51
CA VAL C 105 18.08 8.51 5.42
C VAL C 105 17.52 7.17 5.90
N SER C 106 16.63 6.62 5.09
CA SER C 106 15.97 5.36 5.36
C SER C 106 14.99 5.31 6.52
N GLU C 107 14.74 6.43 7.20
CA GLU C 107 13.70 6.46 8.24
C GLU C 107 12.49 7.13 7.64
N ALA C 108 11.35 6.83 8.22
CA ALA C 108 10.06 7.20 7.63
C ALA C 108 9.69 8.61 8.00
N SER C 109 9.31 9.39 6.99
CA SER C 109 8.66 10.70 7.19
C SER C 109 7.10 10.65 7.29
N ILE C 110 6.49 9.63 6.71
CA ILE C 110 5.04 9.52 6.63
C ILE C 110 4.67 8.04 6.62
N ILE C 111 3.57 7.71 7.27
CA ILE C 111 3.01 6.38 7.16
C ILE C 111 1.54 6.65 7.15
N ILE C 112 0.92 6.14 6.10
CA ILE C 112 -0.53 6.13 5.91
C ILE C 112 -0.98 4.69 5.82
N ALA C 113 -2.04 4.40 6.53
CA ALA C 113 -2.65 3.10 6.51
C ALA C 113 -4.19 3.24 6.41
N VAL C 114 -4.83 2.34 5.66
CA VAL C 114 -6.28 2.24 5.55
C VAL C 114 -6.69 0.80 5.59
N SER C 115 -7.74 0.50 6.39
CA SER C 115 -8.36 -0.86 6.42
C SER C 115 -9.75 -0.84 5.83
N SER C 116 -10.13 -1.90 5.15
CA SER C 116 -11.51 -2.06 4.65
C SER C 116 -11.83 -3.55 4.48
N ALA C 117 -13.09 -3.85 4.18
CA ALA C 117 -13.54 -5.22 3.97
C ALA C 117 -12.86 -5.88 2.75
N HIS C 118 -12.80 -5.14 1.64
CA HIS C 118 -12.11 -5.59 0.41
C HIS C 118 -11.00 -4.62 -0.12
N ARG C 119 -10.14 -5.13 -1.00
CA ARG C 119 -8.81 -4.59 -1.19
C ARG C 119 -8.67 -3.36 -2.03
N ALA C 120 -9.56 -3.20 -3.01
CA ALA C 120 -9.51 -2.05 -3.89
C ALA C 120 -9.69 -0.71 -3.11
N ALA C 121 -10.57 -0.73 -2.14
CA ALA C 121 -10.88 0.43 -1.36
C ALA C 121 -9.66 0.90 -0.60
N SER C 122 -8.99 -0.04 0.06
CA SER C 122 -7.83 0.28 0.87
C SER C 122 -6.66 0.76 0.00
N LEU C 123 -6.44 0.15 -1.16
CA LEU C 123 -5.36 0.59 -2.07
C LEU C 123 -5.65 1.91 -2.70
N GLU C 124 -6.87 2.10 -3.17
CA GLU C 124 -7.22 3.36 -3.79
C GLU C 124 -7.23 4.53 -2.79
N ALA C 125 -7.71 4.31 -1.57
CA ALA C 125 -7.78 5.36 -0.58
C ALA C 125 -6.38 5.76 -0.10
N VAL C 126 -5.46 4.81 -0.04
CA VAL C 126 -4.12 5.13 0.37
C VAL C 126 -3.50 6.00 -0.69
N SER C 127 -3.73 5.61 -1.92
CA SER C 127 -3.19 6.31 -3.04
C SER C 127 -3.73 7.76 -3.10
N TYR C 128 -5.04 7.94 -2.98
CA TYR C 128 -5.64 9.26 -2.90
C TYR C 128 -5.10 10.07 -1.68
N ALA C 129 -4.89 9.41 -0.55
CA ALA C 129 -4.40 10.09 0.63
C ALA C 129 -2.98 10.68 0.41
N ILE C 130 -2.03 9.88 -0.02
CA ILE C 130 -0.69 10.40 -0.25
C ILE C 130 -0.64 11.48 -1.35
N ASP C 131 -1.36 11.30 -2.43
CA ASP C 131 -1.44 12.32 -3.46
C ASP C 131 -2.01 13.65 -3.02
N THR C 132 -3.09 13.53 -2.27
CA THR C 132 -3.82 14.67 -1.83
C THR C 132 -2.99 15.37 -0.72
N LEU C 133 -2.34 14.60 0.14
CA LEU C 133 -1.49 15.16 1.13
C LEU C 133 -0.39 15.99 0.48
N LYS C 134 0.20 15.49 -0.60
CA LYS C 134 1.34 16.17 -1.23
C LYS C 134 0.88 17.39 -1.96
N ALA C 135 -0.39 17.42 -2.36
CA ALA C 135 -0.96 18.53 -3.09
C ALA C 135 -1.59 19.65 -2.19
N LYS C 136 -2.06 19.31 -1.01
CA LYS C 136 -2.95 20.15 -0.26
C LYS C 136 -2.53 20.47 1.15
N VAL C 137 -1.72 19.63 1.79
CA VAL C 137 -1.43 19.76 3.19
C VAL C 137 -0.18 20.63 3.41
N PRO C 138 -0.29 21.73 4.23
CA PRO C 138 0.79 22.71 4.45
C PRO C 138 1.95 22.15 5.25
N ILE C 139 2.79 21.40 4.54
CA ILE C 139 4.00 20.76 5.04
C ILE C 139 5.07 21.03 3.98
N TRP C 140 6.34 21.08 4.39
CA TRP C 140 7.45 21.50 3.52
C TRP C 140 8.69 20.77 3.95
N LYS C 141 9.55 20.40 2.99
CA LYS C 141 10.82 19.70 3.30
C LYS C 141 12.03 20.47 2.78
N LYS C 142 13.13 20.38 3.52
CA LYS C 142 14.40 20.94 3.08
C LYS C 142 15.41 19.77 3.03
N GLU C 143 16.01 19.56 1.87
CA GLU C 143 17.05 18.57 1.72
C GLU C 143 18.27 19.11 2.39
N ILE C 144 18.88 18.28 3.21
CA ILE C 144 20.14 18.61 3.77
C ILE C 144 21.21 17.77 3.08
N TYR C 145 22.14 18.46 2.43
CA TYR C 145 23.20 17.76 1.69
C TYR C 145 24.46 17.46 2.47
N GLU C 146 25.33 16.64 1.87
CA GLU C 146 26.76 16.68 2.18
C GLU C 146 27.38 17.93 1.57
N GLU D 16 21.88 -2.43 -2.28
CA GLU D 16 22.33 -2.14 -3.66
C GLU D 16 21.82 -3.24 -4.60
N LYS D 17 22.01 -4.51 -4.20
CA LYS D 17 21.46 -5.66 -4.94
C LYS D 17 19.94 -5.76 -4.73
N SER D 18 19.14 -5.49 -5.78
CA SER D 18 17.69 -5.74 -5.79
C SER D 18 17.32 -7.13 -5.31
N LYS D 19 16.30 -7.23 -4.46
CA LYS D 19 15.92 -8.46 -3.76
C LYS D 19 14.49 -8.84 -4.12
N ASP D 20 14.27 -10.14 -4.24
CA ASP D 20 12.94 -10.74 -4.41
C ASP D 20 12.88 -11.66 -3.26
N VAL D 21 12.20 -11.27 -2.20
CA VAL D 21 12.11 -12.07 -0.97
C VAL D 21 10.73 -12.68 -0.92
N ILE D 22 10.69 -14.01 -1.05
CA ILE D 22 9.45 -14.77 -1.15
C ILE D 22 9.50 -15.81 -0.06
N ASN D 23 8.42 -15.96 0.68
CA ASN D 23 8.46 -16.92 1.74
C ASN D 23 7.08 -17.37 2.06
N PHE D 24 6.92 -18.68 2.21
CA PHE D 24 5.70 -19.27 2.74
C PHE D 24 6.06 -19.90 4.05
N THR D 25 5.17 -19.76 5.01
CA THR D 25 5.49 -20.05 6.42
C THR D 25 4.20 -20.28 7.14
N ALA D 26 4.26 -21.04 8.23
CA ALA D 26 3.09 -21.23 9.06
C ALA D 26 3.15 -20.27 10.24
N GLU D 27 4.25 -19.53 10.39
CA GLU D 27 4.34 -18.52 11.45
C GLU D 27 3.54 -17.23 11.24
N LYS D 28 3.24 -16.58 12.37
CA LYS D 28 2.58 -15.28 12.41
C LYS D 28 3.44 -14.38 11.59
N LEU D 29 2.82 -13.64 10.68
CA LEU D 29 3.53 -12.70 9.81
C LEU D 29 3.65 -11.37 10.53
N SER D 30 4.78 -10.66 10.30
CA SER D 30 5.07 -9.34 10.93
C SER D 30 5.24 -8.23 9.89
N VAL D 31 4.42 -7.20 10.00
CA VAL D 31 4.49 -6.08 9.07
C VAL D 31 5.81 -5.38 9.14
N ASP D 32 6.33 -5.24 10.36
CA ASP D 32 7.59 -4.56 10.61
C ASP D 32 8.76 -5.32 10.04
N GLU D 33 8.77 -6.64 10.22
CA GLU D 33 9.85 -7.42 9.71
C GLU D 33 9.86 -7.31 8.19
N VAL D 34 8.69 -7.47 7.57
CA VAL D 34 8.59 -7.39 6.09
C VAL D 34 8.92 -6.02 5.50
N SER D 35 8.42 -4.94 6.09
CA SER D 35 8.80 -3.56 5.66
C SER D 35 10.31 -3.39 5.69
N GLN D 36 10.91 -3.90 6.76
CA GLN D 36 12.38 -3.83 6.97
C GLN D 36 13.17 -4.45 5.79
N LEU D 37 12.66 -5.54 5.22
CA LEU D 37 13.34 -6.24 4.16
C LEU D 37 13.39 -5.47 2.82
N VAL D 38 12.55 -4.42 2.65
CA VAL D 38 12.47 -3.70 1.37
C VAL D 38 13.06 -2.32 1.44
N ILE D 39 13.62 -1.97 2.60
CA ILE D 39 14.18 -0.64 2.81
C ILE D 39 15.41 -0.50 1.97
N SER D 40 15.49 0.59 1.23
CA SER D 40 16.68 0.95 0.52
C SER D 40 16.88 2.47 0.64
N PRO D 41 18.10 2.89 1.00
CA PRO D 41 18.56 4.27 0.89
C PRO D 41 18.22 4.94 -0.41
N LEU D 42 18.10 4.16 -1.50
CA LEU D 42 17.80 4.73 -2.80
C LEU D 42 16.30 4.92 -3.00
N CYS D 43 15.48 4.38 -2.11
CA CYS D 43 14.03 4.44 -2.26
C CYS D 43 13.42 5.44 -1.32
N GLY D 44 12.48 6.22 -1.85
CA GLY D 44 11.70 7.12 -1.00
C GLY D 44 10.31 6.60 -0.63
N ALA D 45 9.92 5.50 -1.26
CA ALA D 45 8.59 4.93 -1.17
C ALA D 45 8.60 3.42 -0.83
N ILE D 46 7.67 3.04 0.02
CA ILE D 46 7.34 1.66 0.23
C ILE D 46 5.81 1.56 0.30
N SER D 47 5.23 0.71 -0.51
CA SER D 47 3.84 0.36 -0.41
C SER D 47 3.72 -1.04 0.18
N LEU D 48 2.72 -1.26 1.02
CA LEU D 48 2.43 -2.56 1.57
C LEU D 48 0.99 -2.92 1.38
N PHE D 49 0.71 -4.20 1.07
CA PHE D 49 -0.66 -4.75 1.20
C PHE D 49 -0.58 -5.85 2.25
N VAL D 50 -1.57 -5.87 3.13
CA VAL D 50 -1.70 -6.86 4.18
C VAL D 50 -3.13 -7.40 4.13
N GLY D 51 -3.29 -8.70 3.95
CA GLY D 51 -4.60 -9.34 4.00
C GLY D 51 -4.72 -9.99 5.35
N THR D 52 -5.90 -9.95 5.92
CA THR D 52 -6.13 -10.41 7.27
C THR D 52 -7.44 -11.15 7.27
N THR D 53 -7.61 -12.04 8.23
CA THR D 53 -8.84 -12.83 8.32
C THR D 53 -9.95 -11.96 8.91
N ARG D 54 -11.01 -11.81 8.13
CA ARG D 54 -12.27 -11.22 8.54
C ARG D 54 -13.01 -12.19 9.38
N ASN D 55 -13.96 -11.67 10.15
CA ASN D 55 -14.71 -12.45 11.11
C ASN D 55 -16.10 -12.84 10.57
N ASN D 56 -16.31 -12.72 9.27
CA ASN D 56 -17.64 -13.00 8.75
C ASN D 56 -17.54 -13.27 7.27
N PHE D 57 -18.38 -14.18 6.81
CA PHE D 57 -18.40 -14.52 5.41
C PHE D 57 -19.83 -14.93 5.04
N GLU D 58 -20.35 -14.28 3.99
CA GLU D 58 -21.70 -14.51 3.52
C GLU D 58 -22.72 -14.51 4.67
N GLY D 59 -22.52 -13.63 5.65
CA GLY D 59 -23.40 -13.56 6.80
C GLY D 59 -23.15 -14.53 7.95
N LYS D 60 -22.24 -15.49 7.82
CA LYS D 60 -21.95 -16.40 8.91
C LYS D 60 -20.72 -15.82 9.66
N LYS D 61 -20.56 -16.15 10.96
CA LYS D 61 -19.40 -15.70 11.71
C LYS D 61 -18.28 -16.67 11.48
N VAL D 62 -17.06 -16.13 11.36
CA VAL D 62 -15.81 -16.86 11.00
C VAL D 62 -14.78 -16.73 12.15
N ILE D 63 -14.20 -17.86 12.57
CA ILE D 63 -13.18 -17.97 13.62
C ILE D 63 -11.78 -18.02 13.01
N SER D 64 -11.67 -18.54 11.79
CA SER D 64 -10.35 -18.70 11.21
C SER D 64 -10.43 -18.91 9.70
N LEU D 65 -9.26 -18.89 9.05
CA LEU D 65 -9.14 -19.20 7.63
C LEU D 65 -8.04 -20.20 7.49
N GLU D 66 -8.26 -21.26 6.70
CA GLU D 66 -7.21 -22.28 6.48
C GLU D 66 -6.69 -22.16 5.08
N TYR D 67 -5.37 -21.99 4.97
CA TYR D 67 -4.68 -21.87 3.71
C TYR D 67 -3.77 -23.07 3.40
N GLU D 68 -3.96 -23.64 2.22
CA GLU D 68 -3.13 -24.71 1.65
C GLU D 68 -2.54 -24.16 0.34
N ALA D 69 -1.30 -24.49 0.06
CA ALA D 69 -0.63 -24.10 -1.19
C ALA D 69 0.02 -25.31 -1.88
N TYR D 70 0.34 -25.17 -3.16
CA TYR D 70 1.16 -26.09 -3.87
C TYR D 70 2.52 -25.42 -4.05
N LEU D 71 3.45 -25.80 -3.16
CA LEU D 71 4.87 -25.44 -3.24
C LEU D 71 5.74 -26.60 -3.79
N PRO D 72 6.83 -26.30 -4.48
CA PRO D 72 7.31 -24.92 -4.69
C PRO D 72 6.82 -24.26 -5.98
N MET D 73 5.69 -24.70 -6.52
CA MET D 73 5.14 -24.01 -7.68
C MET D 73 4.67 -22.57 -7.34
N ALA D 74 3.90 -22.43 -6.24
CA ALA D 74 3.42 -21.11 -5.77
C ALA D 74 4.52 -20.07 -5.71
N GLU D 75 5.59 -20.45 -5.06
CA GLU D 75 6.81 -19.64 -4.97
C GLU D 75 7.35 -19.29 -6.34
N ASN D 76 7.16 -20.17 -7.28
CA ASN D 76 7.64 -19.90 -8.59
C ASN D 76 6.69 -19.04 -9.41
N GLU D 77 5.39 -19.21 -9.21
CA GLU D 77 4.44 -18.29 -9.83
C GLU D 77 4.58 -16.84 -9.30
N VAL D 78 5.00 -16.72 -8.04
CA VAL D 78 5.35 -15.44 -7.42
C VAL D 78 6.63 -14.84 -8.00
N ARG D 79 7.63 -15.67 -8.31
CA ARG D 79 8.82 -15.18 -9.05
C ARG D 79 8.41 -14.58 -10.38
N LYS D 80 7.51 -15.24 -11.10
CA LYS D 80 7.09 -14.70 -12.40
C LYS D 80 6.52 -13.30 -12.21
N ILE D 81 5.65 -13.17 -11.24
CA ILE D 81 4.99 -11.91 -10.91
C ILE D 81 6.03 -10.86 -10.56
N CYS D 82 7.05 -11.20 -9.77
CA CYS D 82 8.14 -10.24 -9.54
C CYS D 82 8.82 -9.72 -10.83
N SER D 83 9.22 -10.67 -11.67
CA SER D 83 9.95 -10.39 -12.88
C SER D 83 9.15 -9.48 -13.78
N ASP D 84 7.88 -9.80 -13.94
CA ASP D 84 6.98 -9.01 -14.77
C ASP D 84 6.79 -7.61 -14.20
N ILE D 85 6.78 -7.53 -12.86
CA ILE D 85 6.72 -6.27 -12.14
C ILE D 85 7.94 -5.42 -12.51
N ARG D 86 9.13 -6.02 -12.47
CA ARG D 86 10.37 -5.26 -12.75
C ARG D 86 10.51 -4.81 -14.20
N GLN D 87 9.82 -5.47 -15.10
CA GLN D 87 9.72 -5.04 -16.47
C GLN D 87 8.77 -3.87 -16.61
N LYS D 88 7.66 -3.84 -15.87
CA LYS D 88 6.71 -2.74 -15.99
C LYS D 88 7.05 -1.41 -15.21
N TRP D 89 7.84 -1.49 -14.13
CA TRP D 89 7.95 -0.41 -13.15
C TRP D 89 9.33 -0.40 -12.52
N PRO D 90 9.92 0.79 -12.35
CA PRO D 90 11.27 0.87 -11.77
C PRO D 90 11.24 0.64 -10.28
N VAL D 91 11.19 -0.63 -9.89
CA VAL D 91 11.09 -0.96 -8.45
C VAL D 91 12.44 -1.42 -8.00
N LYS D 92 12.63 -1.59 -6.69
CA LYS D 92 13.90 -2.03 -6.15
C LYS D 92 13.70 -3.38 -5.42
N HIS D 93 13.11 -3.37 -4.23
CA HIS D 93 12.88 -4.59 -3.49
C HIS D 93 11.40 -4.99 -3.54
N ILE D 94 11.14 -6.31 -3.50
CA ILE D 94 9.79 -6.90 -3.47
C ILE D 94 9.82 -7.98 -2.44
N ALA D 95 8.85 -7.98 -1.51
CA ALA D 95 8.70 -9.01 -0.49
C ALA D 95 7.34 -9.57 -0.68
N VAL D 96 7.21 -10.90 -0.72
CA VAL D 96 5.91 -11.54 -0.67
C VAL D 96 5.94 -12.67 0.32
N PHE D 97 5.13 -12.54 1.36
CA PHE D 97 5.06 -13.50 2.43
C PHE D 97 3.61 -13.91 2.51
N HIS D 98 3.34 -15.21 2.45
CA HIS D 98 2.00 -15.75 2.62
C HIS D 98 2.06 -16.73 3.78
N ARG D 99 1.09 -16.68 4.69
CA ARG D 99 0.98 -17.65 5.77
C ARG D 99 0.20 -18.86 5.31
N LEU D 100 0.64 -20.03 5.77
CA LEU D 100 -0.07 -21.28 5.51
C LEU D 100 -0.63 -21.85 6.80
N GLY D 101 -1.72 -22.61 6.70
CA GLY D 101 -2.37 -23.17 7.87
C GLY D 101 -3.52 -22.31 8.34
N LEU D 102 -3.72 -22.30 9.64
CA LEU D 102 -4.87 -21.61 10.24
C LEU D 102 -4.45 -20.18 10.48
N VAL D 103 -5.21 -19.24 9.95
CA VAL D 103 -4.98 -17.82 10.19
C VAL D 103 -6.16 -17.23 10.92
N PRO D 104 -6.02 -17.01 12.22
CA PRO D 104 -7.16 -16.49 12.99
C PRO D 104 -7.58 -15.07 12.59
N VAL D 105 -8.76 -14.72 13.09
CA VAL D 105 -9.34 -13.42 12.89
C VAL D 105 -8.31 -12.37 13.26
N SER D 106 -8.19 -11.39 12.36
CA SER D 106 -7.33 -10.21 12.53
C SER D 106 -5.86 -10.50 12.44
N GLU D 107 -5.47 -11.69 12.04
CA GLU D 107 -4.06 -11.96 11.84
C GLU D 107 -3.89 -12.00 10.32
N ALA D 108 -2.68 -11.77 9.90
CA ALA D 108 -2.32 -11.58 8.50
C ALA D 108 -2.00 -12.88 7.76
N SER D 109 -2.78 -13.15 6.69
CA SER D 109 -2.50 -14.21 5.70
C SER D 109 -1.50 -13.84 4.60
N ILE D 110 -1.41 -12.54 4.28
CA ILE D 110 -0.41 -12.11 3.28
C ILE D 110 0.08 -10.72 3.59
N ILE D 111 1.36 -10.53 3.31
CA ILE D 111 1.97 -9.26 3.30
C ILE D 111 2.81 -9.12 2.08
N ILE D 112 2.48 -8.14 1.24
CA ILE D 112 3.34 -7.74 0.11
C ILE D 112 3.90 -6.32 0.30
N ALA D 113 5.18 -6.15 -0.01
CA ALA D 113 5.87 -4.88 0.15
C ALA D 113 6.77 -4.66 -1.07
N VAL D 114 6.79 -3.44 -1.59
CA VAL D 114 7.58 -3.05 -2.75
C VAL D 114 8.19 -1.69 -2.47
N SER D 115 9.48 -1.52 -2.71
CA SER D 115 10.11 -0.21 -2.60
C SER D 115 10.56 0.31 -3.93
N SER D 116 10.52 1.64 -4.09
CA SER D 116 10.98 2.32 -5.30
C SER D 116 11.45 3.75 -5.00
N ALA D 117 11.99 4.41 -6.01
CA ALA D 117 12.46 5.77 -5.87
C ALA D 117 11.30 6.66 -5.50
N HIS D 118 10.25 6.55 -6.30
CA HIS D 118 9.05 7.34 -6.14
C HIS D 118 7.82 6.47 -5.97
N ARG D 119 6.78 7.11 -5.50
CA ARG D 119 5.65 6.43 -4.95
C ARG D 119 4.83 5.72 -5.98
N ALA D 120 4.71 6.28 -7.17
CA ALA D 120 3.76 5.73 -8.15
C ALA D 120 4.06 4.27 -8.55
N ALA D 121 5.35 3.96 -8.67
CA ALA D 121 5.79 2.61 -9.00
C ALA D 121 5.41 1.56 -7.90
N SER D 122 5.73 1.89 -6.64
CA SER D 122 5.43 1.01 -5.50
C SER D 122 3.90 0.74 -5.36
N LEU D 123 3.09 1.75 -5.55
CA LEU D 123 1.66 1.65 -5.38
C LEU D 123 1.06 0.80 -6.47
N GLU D 124 1.49 1.07 -7.68
CA GLU D 124 1.04 0.29 -8.83
C GLU D 124 1.55 -1.15 -8.83
N ALA D 125 2.80 -1.38 -8.38
CA ALA D 125 3.35 -2.73 -8.29
C ALA D 125 2.62 -3.56 -7.27
N VAL D 126 2.38 -2.97 -6.10
CA VAL D 126 1.70 -3.68 -5.06
C VAL D 126 0.31 -4.12 -5.49
N SER D 127 -0.37 -3.24 -6.17
CA SER D 127 -1.73 -3.49 -6.63
C SER D 127 -1.71 -4.63 -7.66
N TYR D 128 -0.73 -4.59 -8.56
CA TYR D 128 -0.57 -5.61 -9.58
C TYR D 128 -0.24 -6.97 -8.93
N ALA D 129 0.66 -6.94 -7.95
CA ALA D 129 1.02 -8.15 -7.21
C ALA D 129 -0.17 -8.84 -6.60
N ILE D 130 -0.98 -8.11 -5.84
CA ILE D 130 -2.07 -8.77 -5.17
C ILE D 130 -3.08 -9.25 -6.18
N ASP D 131 -3.37 -8.49 -7.22
CA ASP D 131 -4.36 -8.96 -8.20
C ASP D 131 -3.87 -10.22 -8.88
N THR D 132 -2.69 -10.15 -9.45
CA THR D 132 -2.10 -11.28 -10.12
C THR D 132 -1.86 -12.47 -9.19
N LEU D 133 -1.36 -12.25 -7.96
CA LEU D 133 -1.32 -13.34 -7.00
C LEU D 133 -2.70 -14.03 -6.83
N LYS D 134 -3.77 -13.27 -6.57
CA LYS D 134 -5.12 -13.85 -6.41
C LYS D 134 -5.61 -14.61 -7.66
N ALA D 135 -5.00 -14.41 -8.82
CA ALA D 135 -5.46 -15.04 -10.05
C ALA D 135 -4.61 -16.20 -10.52
N LYS D 136 -3.30 -16.10 -10.38
CA LYS D 136 -2.38 -17.05 -11.00
C LYS D 136 -1.72 -18.02 -10.01
N VAL D 137 -1.69 -17.73 -8.71
CA VAL D 137 -0.88 -18.50 -7.74
C VAL D 137 -1.67 -19.65 -7.04
N PRO D 138 -1.13 -20.91 -7.05
CA PRO D 138 -1.94 -22.03 -6.55
C PRO D 138 -2.00 -22.06 -5.04
N ILE D 139 -3.04 -21.38 -4.53
CA ILE D 139 -3.38 -21.32 -3.10
C ILE D 139 -4.87 -21.38 -2.93
N TRP D 140 -5.33 -22.02 -1.88
CA TRP D 140 -6.74 -22.16 -1.63
C TRP D 140 -6.95 -21.87 -0.16
N LYS D 141 -8.18 -21.52 0.20
CA LYS D 141 -8.52 -21.18 1.57
C LYS D 141 -9.82 -21.86 1.89
N LYS D 142 -10.02 -22.38 3.11
CA LYS D 142 -11.34 -22.76 3.56
C LYS D 142 -11.71 -21.86 4.75
N GLU D 143 -12.93 -21.34 4.78
CA GLU D 143 -13.43 -20.63 5.95
C GLU D 143 -13.77 -21.63 7.05
N ILE D 144 -13.38 -21.32 8.31
CA ILE D 144 -13.74 -22.10 9.53
C ILE D 144 -14.73 -21.27 10.36
N TYR D 145 -15.96 -21.76 10.52
CA TYR D 145 -17.06 -20.99 11.16
C TYR D 145 -17.24 -21.18 12.69
N GLU D 146 -18.13 -20.39 13.32
CA GLU D 146 -18.57 -20.56 14.72
C GLU D 146 -19.64 -21.64 14.82
#